data_5JVW
#
_entry.id   5JVW
#
_cell.length_a   34.567
_cell.length_b   50.658
_cell.length_c   92.064
_cell.angle_alpha   90.00
_cell.angle_beta   90.00
_cell.angle_gamma   90.00
#
_symmetry.space_group_name_H-M   'P 21 21 21'
#
loop_
_entity.id
_entity.type
_entity.pdbx_description
1 polymer "DNA (5'-D(*AP*GP*AP*GP*GP*CP*CP*TP*CP*T)-3')"
2 non-polymer 'ZINC ION'
3 non-polymer 'SODIUM ION'
4 non-polymer 'Plicamycin, mithramycin analogue MTM SA-Trp'
5 water water
#
_entity_poly.entity_id   1
_entity_poly.type   'polydeoxyribonucleotide'
_entity_poly.pdbx_seq_one_letter_code
;(DA)(DG)(DA)(DG)(DG)(DC)(DC)(DT)(DC)(DT)
;
_entity_poly.pdbx_strand_id   A,B,C,D
#